data_6NWB
#
_entry.id   6NWB
#
_cell.length_a   65.910
_cell.length_b   65.910
_cell.length_c   65.030
_cell.angle_alpha   90.000
_cell.angle_beta   90.000
_cell.angle_gamma   120.000
#
_symmetry.space_group_name_H-M   'P 31 2 1'
#
loop_
_entity.id
_entity.type
_entity.pdbx_description
1 polymer 'Abscisic acid receptor PYL10'
2 non-polymer N-{[(4-cyanophenyl)methyl]sulfonyl}-1-(thiophen-3-yl)cyclohexane-1-carboxamide
3 water water
#
_entity_poly.entity_id   1
_entity_poly.type   'polypeptide(L)'
_entity_poly.pdbx_seq_one_letter_code
;SQCSSTLVKHIKAPLHLVWSIVRRFDEPQKYKPFISRCVVQGKKLEVGSVREVDLKSGLPATKSTEVLEILDDNEHILGI
RIVGGDHRLKNYSSTISLHSETIDGKTGTLAIESFVVDVPEGNTKEETCFFVEALIQCNLNSLADVTERLQAESME
;
_entity_poly.pdbx_strand_id   A
#
# COMPACT_ATOMS: atom_id res chain seq x y z
N SER A 1 21.09 1.52 9.94
CA SER A 1 21.01 1.74 8.50
C SER A 1 19.71 1.20 7.92
N GLN A 2 18.89 0.58 8.76
CA GLN A 2 17.51 0.27 8.39
C GLN A 2 16.57 1.04 9.31
N CYS A 3 15.33 1.21 8.86
CA CYS A 3 14.34 1.86 9.69
C CYS A 3 12.97 1.31 9.35
N SER A 4 12.05 1.48 10.28
CA SER A 4 10.79 0.77 10.18
C SER A 4 9.74 1.51 10.99
N SER A 5 8.49 1.32 10.61
CA SER A 5 7.40 1.89 11.38
C SER A 5 6.10 1.30 10.87
N THR A 6 5.01 1.68 11.55
CA THR A 6 3.71 1.08 11.32
C THR A 6 2.69 2.20 11.36
N LEU A 7 1.80 2.23 10.37
CA LEU A 7 0.70 3.19 10.28
C LEU A 7 -0.62 2.45 10.29
N VAL A 8 -1.66 3.11 10.79
CA VAL A 8 -2.97 2.49 10.91
C VAL A 8 -4.04 3.45 10.45
N LYS A 9 -5.17 2.87 10.04
CA LYS A 9 -6.30 3.67 9.60
C LYS A 9 -7.57 2.92 9.93
N HIS A 10 -8.48 3.57 10.66
CA HIS A 10 -9.80 2.99 10.90
C HIS A 10 -10.69 3.34 9.71
N ILE A 11 -11.24 2.33 9.04
CA ILE A 11 -12.03 2.52 7.83
C ILE A 11 -13.46 2.10 8.09
N LYS A 12 -14.41 2.96 7.68
CA LYS A 12 -15.83 2.71 7.90
C LYS A 12 -16.42 1.94 6.71
N ALA A 13 -15.87 0.75 6.48
CA ALA A 13 -16.31 -0.11 5.39
C ALA A 13 -16.02 -1.54 5.79
N PRO A 14 -16.79 -2.51 5.29
CA PRO A 14 -16.59 -3.90 5.69
C PRO A 14 -15.28 -4.46 5.17
N LEU A 15 -14.68 -5.36 5.95
CA LEU A 15 -13.41 -5.97 5.60
C LEU A 15 -13.43 -6.52 4.16
N HIS A 16 -14.50 -7.22 3.79
CA HIS A 16 -14.53 -7.88 2.49
C HIS A 16 -14.38 -6.86 1.36
N LEU A 17 -15.03 -5.70 1.50
CA LEU A 17 -14.95 -4.69 0.45
C LEU A 17 -13.56 -4.05 0.41
N VAL A 18 -13.01 -3.73 1.58
CA VAL A 18 -11.67 -3.14 1.63
C VAL A 18 -10.65 -4.12 1.08
N TRP A 19 -10.74 -5.39 1.49
CA TRP A 19 -9.81 -6.38 0.98
C TRP A 19 -9.90 -6.52 -0.54
N SER A 20 -11.11 -6.35 -1.10
CA SER A 20 -11.28 -6.53 -2.54
C SER A 20 -10.51 -5.47 -3.30
N ILE A 21 -10.27 -4.32 -2.69
CA ILE A 21 -9.44 -3.28 -3.30
C ILE A 21 -7.97 -3.49 -2.99
N VAL A 22 -7.63 -3.73 -1.72
CA VAL A 22 -6.23 -3.83 -1.31
C VAL A 22 -5.53 -4.98 -2.02
N ARG A 23 -6.24 -6.10 -2.25
CA ARG A 23 -5.55 -7.27 -2.80
C ARG A 23 -5.19 -7.10 -4.28
N ARG A 24 -5.67 -6.06 -4.96
CA ARG A 24 -5.40 -5.92 -6.40
C ARG A 24 -4.00 -5.35 -6.61
N PHE A 25 -3.01 -6.22 -6.35
CA PHE A 25 -1.62 -5.87 -6.59
C PHE A 25 -1.40 -5.32 -7.99
N ASP A 26 -2.20 -5.76 -8.95
CA ASP A 26 -2.05 -5.34 -10.34
C ASP A 26 -2.73 -4.01 -10.64
N GLU A 27 -3.52 -3.46 -9.72
CA GLU A 27 -4.22 -2.19 -9.93
C GLU A 27 -4.16 -1.35 -8.65
N PRO A 28 -2.97 -1.00 -8.20
CA PRO A 28 -2.87 -0.12 -7.03
C PRO A 28 -3.50 1.24 -7.26
N GLN A 29 -3.62 1.69 -8.51
CA GLN A 29 -4.26 2.97 -8.79
C GLN A 29 -5.76 2.96 -8.48
N LYS A 30 -6.34 1.82 -8.11
CA LYS A 30 -7.71 1.84 -7.59
C LYS A 30 -7.80 2.75 -6.38
N TYR A 31 -6.71 2.92 -5.63
CA TYR A 31 -6.79 3.82 -4.49
C TYR A 31 -5.52 4.62 -4.20
N LYS A 32 -4.39 4.23 -4.80
CA LYS A 32 -3.17 5.01 -4.56
C LYS A 32 -3.11 6.22 -5.48
N PRO A 33 -3.21 7.44 -4.95
CA PRO A 33 -3.34 8.61 -5.81
C PRO A 33 -2.05 9.04 -6.49
N PHE A 34 -0.90 8.47 -6.12
CA PHE A 34 0.35 8.89 -6.74
C PHE A 34 0.78 7.98 -7.87
N ILE A 35 -0.06 7.00 -8.24
CA ILE A 35 0.19 6.08 -9.35
C ILE A 35 -0.64 6.51 -10.54
N SER A 36 0.00 6.67 -11.69
CA SER A 36 -0.72 6.96 -12.93
C SER A 36 -0.93 5.74 -13.82
N ARG A 37 -0.01 4.78 -13.78
CA ARG A 37 -0.11 3.57 -14.60
C ARG A 37 0.52 2.42 -13.83
N CYS A 38 0.06 1.21 -14.15
CA CYS A 38 0.65 0.00 -13.58
C CYS A 38 0.58 -1.10 -14.62
N VAL A 39 1.73 -1.66 -14.98
CA VAL A 39 1.84 -2.71 -15.97
C VAL A 39 2.32 -3.98 -15.27
N VAL A 40 1.60 -5.09 -15.50
CA VAL A 40 1.99 -6.39 -14.97
C VAL A 40 1.94 -7.38 -16.13
N GLN A 41 3.11 -7.84 -16.58
CA GLN A 41 3.18 -8.91 -17.56
C GLN A 41 3.16 -10.26 -16.84
N GLY A 42 2.82 -11.30 -17.59
CA GLY A 42 2.75 -12.60 -16.97
C GLY A 42 1.60 -12.70 -15.98
N LYS A 43 1.76 -13.60 -15.02
CA LYS A 43 0.71 -13.87 -14.05
C LYS A 43 0.53 -12.66 -13.13
N LYS A 44 -0.73 -12.29 -12.90
CA LYS A 44 -1.00 -10.98 -12.33
C LYS A 44 -1.10 -10.96 -10.80
N LEU A 45 -1.70 -11.98 -10.19
CA LEU A 45 -2.01 -11.92 -8.76
C LEU A 45 -1.50 -13.14 -8.05
N GLU A 46 -0.25 -13.47 -8.29
CA GLU A 46 0.37 -14.62 -7.67
C GLU A 46 1.68 -14.17 -7.06
N VAL A 47 2.07 -14.87 -5.99
CA VAL A 47 3.37 -14.62 -5.39
C VAL A 47 4.42 -14.70 -6.49
N GLY A 48 5.29 -13.71 -6.56
CA GLY A 48 6.26 -13.61 -7.62
C GLY A 48 5.87 -12.68 -8.75
N SER A 49 4.61 -12.25 -8.82
CA SER A 49 4.18 -11.31 -9.85
C SER A 49 4.97 -10.00 -9.73
N VAL A 50 5.28 -9.42 -10.86
CA VAL A 50 6.06 -8.19 -10.91
C VAL A 50 5.22 -7.08 -11.53
N ARG A 51 5.24 -5.90 -10.92
CA ARG A 51 4.53 -4.75 -11.44
C ARG A 51 5.51 -3.60 -11.64
N GLU A 52 5.29 -2.84 -12.70
CA GLU A 52 6.03 -1.61 -12.96
C GLU A 52 5.02 -0.48 -12.95
N VAL A 53 5.17 0.42 -11.99
CA VAL A 53 4.25 1.54 -11.86
C VAL A 53 4.94 2.80 -12.34
N ASP A 54 4.18 3.65 -13.03
CA ASP A 54 4.58 5.01 -13.34
C ASP A 54 3.97 5.94 -12.31
N LEU A 55 4.76 6.86 -11.79
CA LEU A 55 4.23 7.79 -10.80
C LEU A 55 3.68 9.04 -11.48
N LYS A 56 2.82 9.74 -10.75
CA LYS A 56 2.21 10.90 -11.36
C LYS A 56 3.26 11.99 -11.57
N SER A 57 3.04 12.80 -12.60
CA SER A 57 4.00 13.81 -12.98
C SER A 57 4.20 14.82 -11.86
N GLY A 58 5.38 15.42 -11.83
CA GLY A 58 5.70 16.42 -10.83
C GLY A 58 6.20 15.86 -9.52
N LEU A 59 6.32 14.56 -9.41
CA LEU A 59 6.80 13.90 -8.21
C LEU A 59 8.31 13.79 -8.23
N PRO A 60 8.95 13.57 -7.08
CA PRO A 60 10.41 13.44 -7.06
C PRO A 60 10.93 12.12 -7.62
N ALA A 61 10.05 11.22 -8.05
CA ALA A 61 10.44 10.02 -8.77
C ALA A 61 9.42 9.78 -9.87
N THR A 62 9.72 8.84 -10.76
CA THR A 62 8.82 8.54 -11.88
C THR A 62 8.45 7.08 -12.02
N LYS A 63 9.24 6.14 -11.50
CA LYS A 63 8.92 4.74 -11.73
C LYS A 63 9.33 3.91 -10.53
N SER A 64 8.64 2.79 -10.35
CA SER A 64 9.01 1.81 -9.34
C SER A 64 8.73 0.43 -9.91
N THR A 65 9.53 -0.55 -9.50
CA THR A 65 9.30 -1.94 -9.85
C THR A 65 9.19 -2.74 -8.56
N GLU A 66 8.12 -3.53 -8.44
CA GLU A 66 7.74 -4.13 -7.17
C GLU A 66 7.29 -5.58 -7.39
N VAL A 67 7.60 -6.43 -6.41
CA VAL A 67 7.29 -7.85 -6.47
C VAL A 67 6.30 -8.21 -5.37
N LEU A 68 5.35 -9.08 -5.69
CA LEU A 68 4.36 -9.55 -4.73
C LEU A 68 4.98 -10.66 -3.90
N GLU A 69 5.21 -10.42 -2.61
CA GLU A 69 5.82 -11.44 -1.79
C GLU A 69 4.78 -12.29 -1.05
N ILE A 70 3.69 -11.67 -0.59
CA ILE A 70 2.67 -12.34 0.22
C ILE A 70 1.31 -11.91 -0.28
N LEU A 71 0.43 -12.87 -0.55
CA LEU A 71 -0.97 -12.58 -0.87
C LEU A 71 -1.79 -13.61 -0.11
N ASP A 72 -2.24 -13.23 1.08
CA ASP A 72 -2.99 -14.15 1.94
C ASP A 72 -4.44 -13.70 1.95
N ASP A 73 -5.28 -14.43 1.22
CA ASP A 73 -6.70 -14.10 1.15
C ASP A 73 -7.49 -14.63 2.33
N ASN A 74 -6.92 -15.52 3.14
CA ASN A 74 -7.62 -15.96 4.34
C ASN A 74 -7.39 -15.00 5.50
N GLU A 75 -6.16 -14.48 5.62
CA GLU A 75 -5.79 -13.57 6.69
C GLU A 75 -5.70 -12.12 6.25
N HIS A 76 -5.88 -11.85 4.96
CA HIS A 76 -5.94 -10.49 4.42
C HIS A 76 -4.62 -9.75 4.63
N ILE A 77 -3.54 -10.38 4.17
CA ILE A 77 -2.20 -9.80 4.28
C ILE A 77 -1.62 -9.67 2.88
N LEU A 78 -1.13 -8.49 2.55
CA LEU A 78 -0.51 -8.23 1.26
C LEU A 78 0.92 -7.78 1.50
N GLY A 79 1.88 -8.57 1.01
CA GLY A 79 3.29 -8.28 1.23
C GLY A 79 4.02 -7.98 -0.07
N ILE A 80 4.75 -6.87 -0.12
CA ILE A 80 5.34 -6.36 -1.37
C ILE A 80 6.74 -5.86 -1.10
N ARG A 81 7.64 -6.06 -2.07
N ARG A 81 7.65 -6.14 -2.03
CA ARG A 81 9.03 -5.62 -1.98
CA ARG A 81 9.00 -5.57 -1.98
C ARG A 81 9.40 -4.80 -3.20
C ARG A 81 9.20 -4.66 -3.18
N ILE A 82 9.98 -3.62 -2.98
CA ILE A 82 10.42 -2.75 -4.08
C ILE A 82 11.79 -3.21 -4.52
N VAL A 83 11.96 -3.52 -5.80
CA VAL A 83 13.21 -4.03 -6.32
C VAL A 83 13.86 -3.13 -7.36
N GLY A 84 13.15 -2.10 -7.84
CA GLY A 84 13.74 -1.17 -8.78
C GLY A 84 13.00 0.14 -8.70
N GLY A 85 13.52 1.14 -9.40
CA GLY A 85 12.89 2.44 -9.42
C GLY A 85 13.89 3.56 -9.42
N ASP A 86 13.44 4.79 -9.67
CA ASP A 86 14.34 5.93 -9.59
C ASP A 86 14.08 6.77 -8.34
N HIS A 87 13.30 6.25 -7.40
CA HIS A 87 13.22 6.81 -6.06
C HIS A 87 14.42 6.35 -5.25
N ARG A 88 14.58 6.91 -4.05
CA ARG A 88 15.78 6.66 -3.28
C ARG A 88 15.64 5.50 -2.32
N LEU A 89 14.55 4.74 -2.40
CA LEU A 89 14.27 3.66 -1.47
C LEU A 89 14.88 2.36 -1.96
N LYS A 90 15.75 1.78 -1.14
N LYS A 90 15.75 1.77 -1.13
CA LYS A 90 16.39 0.50 -1.42
CA LYS A 90 16.38 0.50 -1.43
C LYS A 90 15.99 -0.50 -0.35
C LYS A 90 16.00 -0.50 -0.35
N ASN A 91 15.78 -1.75 -0.76
CA ASN A 91 15.40 -2.82 0.16
C ASN A 91 14.15 -2.46 0.96
N TYR A 92 13.20 -1.81 0.30
CA TYR A 92 11.93 -1.49 0.93
C TYR A 92 11.02 -2.72 0.88
N SER A 93 10.49 -3.12 2.04
CA SER A 93 9.49 -4.17 2.13
C SER A 93 8.27 -3.61 2.84
N SER A 94 7.09 -3.89 2.28
CA SER A 94 5.81 -3.40 2.76
C SER A 94 4.91 -4.57 3.15
N THR A 95 4.15 -4.41 4.23
CA THR A 95 3.11 -5.36 4.62
C THR A 95 1.87 -4.57 4.99
N ILE A 96 0.75 -4.85 4.34
CA ILE A 96 -0.52 -4.28 4.75
C ILE A 96 -1.40 -5.44 5.20
N SER A 97 -2.08 -5.25 6.31
CA SER A 97 -2.96 -6.31 6.80
C SER A 97 -4.23 -5.63 7.27
N LEU A 98 -5.36 -6.30 7.07
CA LEU A 98 -6.67 -5.77 7.39
C LEU A 98 -7.31 -6.61 8.48
N HIS A 99 -8.01 -5.95 9.41
CA HIS A 99 -8.66 -6.66 10.50
C HIS A 99 -10.06 -6.08 10.65
N SER A 100 -11.07 -6.93 10.77
CA SER A 100 -12.41 -6.41 11.00
C SER A 100 -12.46 -5.79 12.39
N GLU A 101 -13.20 -4.69 12.52
CA GLU A 101 -13.35 -4.10 13.84
C GLU A 101 -14.73 -3.47 13.95
N THR A 102 -15.23 -3.44 15.17
CA THR A 102 -16.56 -2.95 15.46
C THR A 102 -16.43 -1.81 16.45
N ILE A 103 -16.87 -0.62 16.04
CA ILE A 103 -16.83 0.57 16.88
C ILE A 103 -18.26 1.09 17.02
N ASP A 104 -18.81 1.04 18.24
CA ASP A 104 -20.15 1.54 18.52
C ASP A 104 -21.20 0.82 17.65
N GLY A 105 -21.14 -0.50 17.65
CA GLY A 105 -22.05 -1.31 16.86
C GLY A 105 -21.81 -1.28 15.37
N LYS A 106 -20.96 -0.37 14.89
CA LYS A 106 -20.70 -0.21 13.46
C LYS A 106 -19.49 -1.04 13.09
N THR A 107 -19.69 -1.98 12.17
CA THR A 107 -18.60 -2.84 11.73
C THR A 107 -17.79 -2.14 10.65
N GLY A 108 -16.48 -2.27 10.76
CA GLY A 108 -15.59 -1.69 9.78
C GLY A 108 -14.28 -2.47 9.72
N THR A 109 -13.22 -1.78 9.29
CA THR A 109 -11.94 -2.40 8.99
C THR A 109 -10.83 -1.53 9.58
N LEU A 110 -9.88 -2.19 10.20
CA LEU A 110 -8.65 -1.55 10.67
C LEU A 110 -7.55 -1.97 9.71
N ALA A 111 -7.00 -1.02 8.97
CA ALA A 111 -5.89 -1.29 8.07
C ALA A 111 -4.60 -0.92 8.76
N ILE A 112 -3.62 -1.81 8.69
CA ILE A 112 -2.33 -1.63 9.34
C ILE A 112 -1.25 -1.82 8.27
N GLU A 113 -0.45 -0.80 8.03
CA GLU A 113 0.60 -0.90 7.03
C GLU A 113 1.95 -0.63 7.68
N SER A 114 2.85 -1.59 7.56
CA SER A 114 4.19 -1.54 8.13
C SER A 114 5.23 -1.56 7.01
N PHE A 115 6.42 -1.02 7.28
CA PHE A 115 7.47 -1.04 6.29
C PHE A 115 8.83 -1.23 6.94
N VAL A 116 9.75 -1.73 6.13
CA VAL A 116 11.17 -1.77 6.46
C VAL A 116 11.92 -1.28 5.23
N VAL A 117 12.93 -0.44 5.44
CA VAL A 117 13.66 0.16 4.32
C VAL A 117 15.03 0.58 4.80
N ASP A 118 15.99 0.60 3.86
CA ASP A 118 17.32 1.14 4.14
C ASP A 118 17.27 2.65 4.30
N VAL A 119 18.11 3.15 5.21
CA VAL A 119 18.26 4.60 5.37
C VAL A 119 19.21 5.11 4.28
N PRO A 120 18.74 5.94 3.36
CA PRO A 120 19.57 6.34 2.21
C PRO A 120 20.85 7.05 2.63
N GLU A 121 21.71 7.25 1.62
CA GLU A 121 23.07 7.75 1.79
C GLU A 121 23.16 9.00 2.65
N GLY A 122 22.69 10.13 2.11
CA GLY A 122 22.80 11.39 2.83
C GLY A 122 21.74 11.59 3.89
N ASN A 123 20.56 11.02 3.68
CA ASN A 123 19.45 11.23 4.60
C ASN A 123 19.68 10.51 5.93
N THR A 124 18.92 10.94 6.94
CA THR A 124 18.98 10.35 8.28
C THR A 124 17.82 9.38 8.47
N LYS A 125 17.88 8.63 9.57
CA LYS A 125 16.83 7.67 9.88
C LYS A 125 15.50 8.37 10.13
N GLU A 126 15.51 9.45 10.93
CA GLU A 126 14.29 10.21 11.17
C GLU A 126 13.76 10.81 9.88
N GLU A 127 14.66 11.31 9.03
CA GLU A 127 14.27 11.88 7.74
C GLU A 127 13.53 10.85 6.89
N THR A 128 14.14 9.69 6.69
CA THR A 128 13.53 8.62 5.90
C THR A 128 12.23 8.14 6.52
N CYS A 129 12.26 7.88 7.82
CA CYS A 129 11.09 7.30 8.46
C CYS A 129 9.89 8.24 8.36
N PHE A 130 10.10 9.52 8.66
CA PHE A 130 8.99 10.47 8.67
C PHE A 130 8.41 10.65 7.27
N PHE A 131 9.28 10.65 6.27
CA PHE A 131 8.84 10.79 4.89
C PHE A 131 7.93 9.63 4.47
N VAL A 132 8.40 8.40 4.73
CA VAL A 132 7.62 7.23 4.35
C VAL A 132 6.32 7.17 5.12
N GLU A 133 6.36 7.49 6.42
CA GLU A 133 5.14 7.45 7.23
C GLU A 133 4.07 8.40 6.67
N ALA A 134 4.47 9.61 6.24
CA ALA A 134 3.48 10.54 5.73
C ALA A 134 2.86 9.99 4.45
N LEU A 135 3.67 9.39 3.60
CA LEU A 135 3.17 8.83 2.35
C LEU A 135 2.21 7.67 2.59
N ILE A 136 2.57 6.75 3.48
CA ILE A 136 1.67 5.65 3.78
C ILE A 136 0.37 6.18 4.38
N GLN A 137 0.48 7.14 5.30
CA GLN A 137 -0.72 7.69 5.91
C GLN A 137 -1.63 8.32 4.85
N CYS A 138 -1.04 9.00 3.87
CA CYS A 138 -1.84 9.54 2.76
C CYS A 138 -2.51 8.41 1.99
N ASN A 139 -1.76 7.37 1.65
CA ASN A 139 -2.34 6.24 0.94
C ASN A 139 -3.44 5.57 1.75
N LEU A 140 -3.28 5.41 3.06
CA LEU A 140 -4.34 4.79 3.85
C LEU A 140 -5.57 5.70 3.94
N ASN A 141 -5.37 7.02 3.96
CA ASN A 141 -6.53 7.90 3.93
C ASN A 141 -7.25 7.85 2.59
N SER A 142 -6.51 7.73 1.48
CA SER A 142 -7.18 7.52 0.20
C SER A 142 -7.94 6.19 0.18
N LEU A 143 -7.36 5.12 0.72
CA LEU A 143 -8.06 3.84 0.79
C LEU A 143 -9.38 3.98 1.54
N ALA A 144 -9.39 4.67 2.68
CA ALA A 144 -10.65 4.91 3.38
C ALA A 144 -11.64 5.65 2.49
N ASP A 145 -11.21 6.72 1.83
CA ASP A 145 -12.12 7.47 0.97
C ASP A 145 -12.73 6.58 -0.10
N VAL A 146 -11.89 5.82 -0.82
CA VAL A 146 -12.38 4.99 -1.92
C VAL A 146 -13.37 3.95 -1.40
N THR A 147 -12.99 3.21 -0.35
CA THR A 147 -13.83 2.10 0.08
C THR A 147 -15.08 2.60 0.78
N GLU A 148 -14.98 3.70 1.54
CA GLU A 148 -16.20 4.26 2.14
C GLU A 148 -17.16 4.75 1.07
N ARG A 149 -16.65 5.29 -0.04
CA ARG A 149 -17.54 5.68 -1.12
C ARG A 149 -18.18 4.45 -1.75
N LEU A 150 -17.40 3.38 -1.95
CA LEU A 150 -17.97 2.16 -2.50
C LEU A 150 -19.02 1.56 -1.59
N GLN A 151 -18.76 1.58 -0.28
CA GLN A 151 -19.78 1.14 0.68
C GLN A 151 -21.07 1.95 0.49
N ALA A 152 -20.94 3.27 0.38
CA ALA A 152 -22.11 4.13 0.26
C ALA A 152 -22.86 3.87 -1.06
N GLU A 153 -22.12 3.69 -2.16
CA GLU A 153 -22.79 3.42 -3.43
C GLU A 153 -23.54 2.10 -3.39
N SER A 154 -22.98 1.11 -2.69
CA SER A 154 -23.65 -0.18 -2.58
C SER A 154 -24.97 -0.05 -1.84
N MET A 155 -25.08 0.93 -0.95
CA MET A 155 -26.34 1.26 -0.28
C MET A 155 -27.35 1.91 -1.22
N GLU A 156 -27.14 1.78 -2.53
CA GLU A 156 -28.01 2.40 -3.54
C GLU A 156 -28.04 3.91 -3.37
#